data_7X8H
#
_entry.id   7X8H
#
_cell.length_a   76.608
_cell.length_b   83.973
_cell.length_c   61.543
_cell.angle_alpha   90.00
_cell.angle_beta   101.99
_cell.angle_gamma   90.00
#
_symmetry.space_group_name_H-M   'C 1 2 1'
#
loop_
_entity.id
_entity.type
_entity.pdbx_description
1 polymer '4-hydroxyphenylpyruvate dioxygenase'
2 non-polymer 'COBALT (II) ION'
3 non-polymer (9bR)-2,6-diethanoyl-8,9b-dimethyl-3,7,9-tris(oxidanyl)dibenzofuran-1-one
4 water water
#
_entity_poly.entity_id   1
_entity_poly.type   'polypeptide(L)'
_entity_poly.pdbx_seq_one_letter_code
;GSHMVRKNPKSDKFKVKRFHHIEFWCGDATNVARRFSWGLGMRFSAKSDLSTGNMVHASYLLTSGDLRFLFTAPYSPSLS
AGEIKPTTTASIPSFDHGSCRSFFSSHGLGVRAVAIEVEDAESAFSISVANGAIPSSPPIVLNEAVTIAEVKLYGDVVLR
YVSYKAEDTEKSEFLPGFERVEDASSFPLDYGIRRLDHAVGNVPELGPALTYVAGFTGFHQFAEFTADDVGTAESGLNSA
VLASNDEMVLLPINEPVHGTKRKSQIQTYLEHNEGAGLQHLALMSEDIFRTLREMRKRSSIGGFDFMPSPPPTYYQNLKK
RVGDVLSDDQIKECEELGILVDRDDQGTLLQIFTKPLGDRPTIFIEIIQRVGCMMKDEEGKAYQSGGCGGFGKGNFSELF
KSIEEYEKTLEAKQLVG
;
_entity_poly.pdbx_strand_id   A
#
loop_
_chem_comp.id
_chem_comp.type
_chem_comp.name
_chem_comp.formula
AIY non-polymer (9bR)-2,6-diethanoyl-8,9b-dimethyl-3,7,9-tris(oxidanyl)dibenzofuran-1-one 'C18 H16 O7'
CO non-polymer 'COBALT (II) ION' 'Co 2'
#
# COMPACT_ATOMS: atom_id res chain seq x y z
N LYS A 7 -5.58 -11.69 20.98
CA LYS A 7 -7.02 -11.92 20.98
C LYS A 7 -7.71 -11.07 19.91
N ASN A 8 -8.80 -11.58 19.35
CA ASN A 8 -9.53 -10.90 18.29
C ASN A 8 -10.97 -10.70 18.71
N PRO A 9 -11.39 -9.47 19.03
CA PRO A 9 -12.77 -9.23 19.47
C PRO A 9 -13.79 -9.20 18.35
N LYS A 10 -13.34 -9.24 17.09
CA LYS A 10 -14.20 -9.21 15.90
C LYS A 10 -15.30 -8.14 16.04
N SER A 11 -14.84 -6.92 16.25
CA SER A 11 -15.71 -5.78 16.53
C SER A 11 -15.95 -4.88 15.32
N ASP A 12 -15.68 -5.35 14.09
CA ASP A 12 -15.96 -4.54 12.91
C ASP A 12 -17.39 -4.01 12.95
N LYS A 13 -17.55 -2.72 12.68
CA LYS A 13 -18.88 -2.14 12.74
C LYS A 13 -19.66 -2.31 11.45
N PHE A 14 -19.03 -2.83 10.39
CA PHE A 14 -19.73 -3.21 9.16
C PHE A 14 -18.93 -4.33 8.50
N LYS A 15 -19.53 -4.95 7.50
CA LYS A 15 -18.94 -6.11 6.84
C LYS A 15 -17.85 -5.65 5.86
N VAL A 16 -16.59 -5.94 6.19
CA VAL A 16 -15.44 -5.66 5.34
C VAL A 16 -14.99 -6.96 4.68
N LYS A 17 -14.70 -6.89 3.37
CA LYS A 17 -14.22 -8.07 2.67
C LYS A 17 -12.69 -8.02 2.53
N ARG A 18 -12.17 -7.43 1.46
CA ARG A 18 -10.72 -7.40 1.28
C ARG A 18 -10.30 -6.03 0.76
N PHE A 19 -8.98 -5.81 0.74
CA PHE A 19 -8.43 -4.68 0.01
C PHE A 19 -8.93 -4.76 -1.43
N HIS A 20 -9.41 -3.63 -1.96
CA HIS A 20 -9.88 -3.61 -3.34
C HIS A 20 -8.91 -2.94 -4.31
N HIS A 21 -8.49 -1.70 -4.02
CA HIS A 21 -7.50 -1.06 -4.88
C HIS A 21 -6.83 0.07 -4.13
N ILE A 22 -5.72 0.54 -4.70
CA ILE A 22 -5.00 1.71 -4.23
C ILE A 22 -5.01 2.73 -5.36
N GLU A 23 -5.37 3.98 -5.07
CA GLU A 23 -5.37 5.02 -6.09
C GLU A 23 -4.28 6.04 -5.81
N PHE A 24 -3.40 6.23 -6.79
CA PHE A 24 -2.38 7.26 -6.75
C PHE A 24 -2.95 8.50 -7.43
N TRP A 25 -2.71 9.66 -6.82
CA TRP A 25 -2.96 10.92 -7.49
C TRP A 25 -1.65 11.45 -8.05
N CYS A 26 -1.65 11.74 -9.35
CA CYS A 26 -0.47 12.00 -10.17
C CYS A 26 -0.63 13.33 -10.89
N GLY A 27 0.48 13.80 -11.45
CA GLY A 27 0.41 14.89 -12.40
C GLY A 27 0.17 14.40 -13.81
N ASP A 28 0.87 13.33 -14.18
CA ASP A 28 0.64 12.66 -15.45
C ASP A 28 0.45 11.17 -15.15
N ALA A 29 -0.77 10.68 -15.30
CA ALA A 29 -1.02 9.29 -14.92
C ALA A 29 -0.42 8.32 -15.92
N THR A 30 -0.29 8.75 -17.18
CA THR A 30 0.30 7.90 -18.22
C THR A 30 1.71 7.48 -17.86
N ASN A 31 2.57 8.45 -17.48
CA ASN A 31 3.97 8.11 -17.27
C ASN A 31 4.16 7.33 -15.98
N VAL A 32 3.42 7.67 -14.93
CA VAL A 32 3.57 6.90 -13.70
C VAL A 32 3.09 5.47 -13.90
N ALA A 33 1.94 5.30 -14.56
CA ALA A 33 1.38 3.95 -14.75
C ALA A 33 2.32 3.09 -15.60
N ARG A 34 2.88 3.66 -16.66
CA ARG A 34 3.77 2.87 -17.52
C ARG A 34 5.04 2.47 -16.77
N ARG A 35 5.60 3.39 -15.97
CA ARG A 35 6.74 3.07 -15.12
C ARG A 35 6.42 1.94 -14.16
N PHE A 36 5.33 2.08 -13.41
CA PHE A 36 4.94 1.05 -12.43
C PHE A 36 4.69 -0.29 -13.10
N SER A 37 4.03 -0.26 -14.26
CA SER A 37 3.72 -1.49 -14.99
C SER A 37 4.99 -2.31 -15.27
N TRP A 38 6.00 -1.65 -15.86
CA TRP A 38 7.27 -2.30 -16.18
C TRP A 38 8.04 -2.68 -14.91
N GLY A 39 8.11 -1.76 -13.95
CA GLY A 39 8.89 -2.01 -12.75
C GLY A 39 8.35 -3.11 -11.86
N LEU A 40 7.02 -3.25 -11.78
CA LEU A 40 6.39 -4.20 -10.87
C LEU A 40 5.78 -5.41 -11.57
N GLY A 41 5.66 -5.39 -12.89
CA GLY A 41 5.08 -6.51 -13.61
C GLY A 41 3.58 -6.56 -13.51
N MET A 42 2.93 -5.42 -13.76
CA MET A 42 1.48 -5.31 -13.67
C MET A 42 0.89 -5.01 -15.05
N ARG A 43 -0.18 -5.71 -15.39
CA ARG A 43 -0.88 -5.54 -16.66
C ARG A 43 -1.75 -4.29 -16.67
N PHE A 44 -1.75 -3.57 -17.80
CA PHE A 44 -2.78 -2.57 -18.06
C PHE A 44 -4.12 -3.27 -18.25
N SER A 45 -5.07 -3.05 -17.34
CA SER A 45 -6.34 -3.76 -17.37
C SER A 45 -7.54 -2.91 -17.75
N ALA A 46 -7.61 -1.63 -17.35
CA ALA A 46 -8.75 -0.81 -17.70
C ALA A 46 -8.34 0.65 -17.77
N LYS A 47 -9.16 1.46 -18.44
CA LYS A 47 -8.92 2.89 -18.56
C LYS A 47 -10.23 3.66 -18.48
N SER A 48 -10.13 4.90 -18.05
CA SER A 48 -11.20 5.88 -18.14
C SER A 48 -10.52 7.20 -18.46
N ASP A 49 -10.72 7.71 -19.68
CA ASP A 49 -10.00 8.90 -20.13
C ASP A 49 -10.76 9.54 -21.28
N LEU A 50 -10.09 10.45 -22.01
CA LEU A 50 -10.74 11.08 -23.16
C LEU A 50 -11.30 10.04 -24.12
N SER A 51 -10.55 8.96 -24.37
CA SER A 51 -11.01 7.97 -25.34
C SER A 51 -12.27 7.23 -24.87
N THR A 52 -12.60 7.31 -23.59
CA THR A 52 -13.83 6.69 -23.09
C THR A 52 -14.91 7.73 -22.77
N GLY A 53 -14.71 8.98 -23.13
CA GLY A 53 -15.70 10.02 -22.88
C GLY A 53 -15.52 10.77 -21.58
N ASN A 54 -14.48 10.48 -20.82
CA ASN A 54 -14.20 11.18 -19.56
C ASN A 54 -13.41 12.45 -19.87
N MET A 55 -14.07 13.62 -19.74
CA MET A 55 -13.46 14.92 -19.98
C MET A 55 -12.85 15.53 -18.72
N VAL A 56 -12.89 14.82 -17.60
CA VAL A 56 -12.49 15.36 -16.31
C VAL A 56 -11.14 14.82 -15.87
N HIS A 57 -10.96 13.50 -15.85
CA HIS A 57 -9.72 12.94 -15.34
C HIS A 57 -9.28 11.75 -16.19
N ALA A 58 -7.97 11.50 -16.19
CA ALA A 58 -7.39 10.33 -16.82
C ALA A 58 -7.08 9.32 -15.74
N SER A 59 -7.62 8.11 -15.85
CA SER A 59 -7.42 7.06 -14.87
C SER A 59 -7.04 5.76 -15.57
N TYR A 60 -5.92 5.17 -15.16
CA TYR A 60 -5.43 3.92 -15.72
C TYR A 60 -5.25 2.89 -14.62
N LEU A 61 -5.74 1.68 -14.85
CA LEU A 61 -5.73 0.64 -13.85
C LEU A 61 -4.73 -0.43 -14.25
N LEU A 62 -3.82 -0.76 -13.33
CA LEU A 62 -2.91 -1.89 -13.46
C LEU A 62 -3.33 -2.98 -12.49
N THR A 63 -3.15 -4.24 -12.91
CA THR A 63 -3.48 -5.37 -12.06
C THR A 63 -2.37 -6.40 -12.07
N SER A 64 -2.18 -7.06 -10.94
CA SER A 64 -1.37 -8.27 -10.87
C SER A 64 -2.04 -9.19 -9.87
N GLY A 65 -2.62 -10.30 -10.35
CA GLY A 65 -3.45 -11.13 -9.49
C GLY A 65 -4.63 -10.30 -8.99
N ASP A 66 -4.78 -10.21 -7.67
CA ASP A 66 -5.85 -9.42 -7.07
C ASP A 66 -5.41 -8.00 -6.74
N LEU A 67 -4.16 -7.65 -6.97
CA LEU A 67 -3.67 -6.30 -6.69
C LEU A 67 -4.12 -5.33 -7.78
N ARG A 68 -4.69 -4.19 -7.38
CA ARG A 68 -5.16 -3.19 -8.32
C ARG A 68 -4.57 -1.85 -7.95
N PHE A 69 -3.75 -1.30 -8.84
CA PHE A 69 -3.20 0.05 -8.71
C PHE A 69 -3.89 0.96 -9.72
N LEU A 70 -4.52 2.03 -9.23
CA LEU A 70 -5.18 3.03 -10.07
C LEU A 70 -4.35 4.31 -10.08
N PHE A 71 -4.15 4.88 -11.27
CA PHE A 71 -3.34 6.07 -11.44
C PHE A 71 -4.24 7.11 -12.09
N THR A 72 -4.42 8.25 -11.41
CA THR A 72 -5.38 9.24 -11.86
C THR A 72 -4.74 10.62 -11.86
N ALA A 73 -5.01 11.41 -12.90
CA ALA A 73 -4.54 12.78 -13.05
C ALA A 73 -5.64 13.63 -13.67
N PRO A 74 -5.65 14.94 -13.40
CA PRO A 74 -6.71 15.78 -13.95
C PRO A 74 -6.37 16.29 -15.33
N TYR A 75 -7.41 16.45 -16.15
CA TYR A 75 -7.28 17.21 -17.39
C TYR A 75 -7.43 18.69 -17.09
N SER A 76 -7.27 19.54 -18.12
CA SER A 76 -7.58 20.94 -17.95
C SER A 76 -9.04 21.11 -17.53
N PRO A 77 -9.32 21.89 -16.50
CA PRO A 77 -10.74 22.14 -16.15
C PRO A 77 -11.57 22.68 -17.31
N SER A 78 -10.94 23.35 -18.27
CA SER A 78 -11.68 23.93 -19.38
C SER A 78 -12.43 22.87 -20.18
N LEU A 79 -11.94 21.62 -20.19
CA LEU A 79 -12.63 20.59 -20.96
C LEU A 79 -14.02 20.28 -20.43
N SER A 80 -14.24 20.47 -19.13
CA SER A 80 -15.49 20.10 -18.47
C SER A 80 -16.16 21.31 -17.84
N ALA A 81 -15.91 22.51 -18.38
CA ALA A 81 -16.39 23.72 -17.73
C ALA A 81 -17.92 23.81 -17.75
N GLY A 82 -18.55 23.26 -18.77
CA GLY A 82 -20.00 23.25 -18.81
C GLY A 82 -20.66 22.16 -18.02
N GLU A 83 -19.87 21.27 -17.41
CA GLU A 83 -20.44 20.17 -16.65
C GLU A 83 -20.80 20.62 -15.24
N ILE A 84 -21.78 19.93 -14.65
CA ILE A 84 -22.00 19.99 -13.21
C ILE A 84 -21.99 18.55 -12.72
N LYS A 85 -21.96 18.39 -11.40
CA LYS A 85 -21.92 17.03 -10.85
C LYS A 85 -23.02 16.13 -11.41
N PRO A 86 -24.29 16.56 -11.49
CA PRO A 86 -25.31 15.71 -12.11
C PRO A 86 -25.05 15.36 -13.57
N THR A 87 -24.27 16.16 -14.31
CA THR A 87 -23.97 15.89 -15.71
C THR A 87 -22.52 15.47 -15.96
N THR A 88 -21.80 15.04 -14.93
CA THR A 88 -20.35 14.88 -15.05
C THR A 88 -19.98 13.72 -15.98
N THR A 89 -18.84 13.85 -16.65
CA THR A 89 -18.28 12.71 -17.39
C THR A 89 -17.23 11.97 -16.59
N ALA A 90 -16.95 12.41 -15.36
CA ALA A 90 -15.98 11.72 -14.51
C ALA A 90 -16.49 10.33 -14.15
N SER A 91 -15.62 9.33 -14.28
CA SER A 91 -16.02 7.99 -13.86
C SER A 91 -15.88 7.77 -12.37
N ILE A 92 -15.09 8.60 -11.70
CA ILE A 92 -14.95 8.56 -10.24
C ILE A 92 -15.53 9.85 -9.69
N PRO A 93 -16.81 9.84 -9.28
CA PRO A 93 -17.51 11.10 -8.98
C PRO A 93 -16.97 11.85 -7.78
N SER A 94 -16.17 11.19 -6.92
CA SER A 94 -15.47 11.92 -5.87
C SER A 94 -14.33 12.79 -6.40
N PHE A 95 -13.92 12.62 -7.65
CA PHE A 95 -12.78 13.38 -8.15
C PHE A 95 -13.09 14.89 -8.22
N ASP A 96 -12.10 15.71 -7.87
CA ASP A 96 -12.22 17.16 -7.94
C ASP A 96 -10.89 17.73 -8.43
N HIS A 97 -10.93 18.51 -9.53
CA HIS A 97 -9.70 19.09 -10.07
C HIS A 97 -8.91 19.80 -8.99
N GLY A 98 -9.58 20.66 -8.22
CA GLY A 98 -8.89 21.45 -7.23
C GLY A 98 -8.24 20.62 -6.13
N SER A 99 -8.97 19.59 -5.65
CA SER A 99 -8.41 18.76 -4.59
C SER A 99 -7.20 17.98 -5.08
N CYS A 100 -7.23 17.52 -6.33
CA CYS A 100 -6.14 16.72 -6.89
C CYS A 100 -4.88 17.56 -7.08
N ARG A 101 -5.03 18.73 -7.70
CA ARG A 101 -3.87 19.60 -7.89
C ARG A 101 -3.28 20.04 -6.56
N SER A 102 -4.13 20.36 -5.59
CA SER A 102 -3.66 20.74 -4.26
C SER A 102 -2.97 19.58 -3.55
N PHE A 103 -3.57 18.38 -3.62
CA PHE A 103 -2.93 17.20 -3.06
C PHE A 103 -1.55 17.01 -3.69
N PHE A 104 -1.47 17.03 -5.03
CA PHE A 104 -0.19 16.75 -5.67
C PHE A 104 0.82 17.86 -5.41
N SER A 105 0.38 19.12 -5.48
CA SER A 105 1.27 20.23 -5.16
C SER A 105 1.83 20.10 -3.74
N SER A 106 1.00 19.64 -2.81
CA SER A 106 1.42 19.59 -1.41
C SER A 106 2.28 18.37 -1.09
N HIS A 107 1.92 17.19 -1.62
CA HIS A 107 2.54 15.93 -1.22
C HIS A 107 3.42 15.31 -2.30
N GLY A 108 3.32 15.76 -3.55
CA GLY A 108 3.91 15.02 -4.64
C GLY A 108 3.16 13.71 -4.86
N LEU A 109 3.77 12.86 -5.68
CA LEU A 109 3.17 11.57 -6.03
C LEU A 109 2.91 10.76 -4.78
N GLY A 110 1.67 10.30 -4.64
CA GLY A 110 1.33 9.50 -3.47
C GLY A 110 -0.07 8.95 -3.55
N VAL A 111 -0.39 8.16 -2.52
CA VAL A 111 -1.67 7.46 -2.47
C VAL A 111 -2.71 8.44 -1.96
N ARG A 112 -3.76 8.61 -2.75
CA ARG A 112 -4.94 9.34 -2.30
C ARG A 112 -5.95 8.45 -1.60
N ALA A 113 -6.20 7.23 -2.12
CA ALA A 113 -7.28 6.40 -1.58
C ALA A 113 -6.79 4.99 -1.32
N VAL A 114 -7.06 4.50 -0.11
CA VAL A 114 -6.98 3.08 0.21
C VAL A 114 -8.40 2.53 0.12
N ALA A 115 -8.68 1.70 -0.87
CA ALA A 115 -10.05 1.24 -1.11
C ALA A 115 -10.22 -0.19 -0.62
N ILE A 116 -11.28 -0.42 0.15
CA ILE A 116 -11.62 -1.74 0.65
C ILE A 116 -13.01 -2.10 0.11
N GLU A 117 -13.19 -3.38 -0.22
CA GLU A 117 -14.50 -3.84 -0.66
C GLU A 117 -15.32 -4.18 0.58
N VAL A 118 -16.55 -3.67 0.63
CA VAL A 118 -17.47 -3.93 1.72
C VAL A 118 -18.78 -4.48 1.14
N GLU A 119 -19.62 -5.01 2.03
CA GLU A 119 -20.92 -5.53 1.56
C GLU A 119 -21.82 -4.42 1.05
N ASP A 120 -21.78 -3.24 1.68
CA ASP A 120 -22.68 -2.16 1.33
C ASP A 120 -21.99 -0.84 1.66
N ALA A 121 -21.53 -0.13 0.62
CA ALA A 121 -20.76 1.09 0.83
C ALA A 121 -21.61 2.19 1.45
N GLU A 122 -22.90 2.26 1.11
CA GLU A 122 -23.75 3.28 1.74
C GLU A 122 -23.85 3.07 3.24
N SER A 123 -24.13 1.83 3.68
CA SER A 123 -24.23 1.60 5.12
C SER A 123 -22.87 1.73 5.80
N ALA A 124 -21.79 1.26 5.15
CA ALA A 124 -20.45 1.47 5.71
C ALA A 124 -20.16 2.95 5.94
N PHE A 125 -20.51 3.81 4.98
CA PHE A 125 -20.29 5.25 5.14
C PHE A 125 -21.13 5.81 6.30
N SER A 126 -22.43 5.52 6.30
CA SER A 126 -23.30 6.01 7.37
C SER A 126 -22.81 5.59 8.74
N ILE A 127 -22.54 4.28 8.92
CA ILE A 127 -22.06 3.78 10.20
C ILE A 127 -20.74 4.44 10.59
N SER A 128 -19.82 4.62 9.62
CA SER A 128 -18.53 5.21 9.95
C SER A 128 -18.70 6.64 10.43
N VAL A 129 -19.48 7.43 9.69
CA VAL A 129 -19.73 8.81 10.06
C VAL A 129 -20.48 8.88 11.39
N ALA A 130 -21.45 7.98 11.58
CA ALA A 130 -22.12 7.93 12.88
C ALA A 130 -21.13 7.69 14.00
N ASN A 131 -20.01 7.03 13.70
CA ASN A 131 -19.05 6.66 14.73
C ASN A 131 -17.78 7.50 14.68
N GLY A 132 -17.85 8.71 14.11
CA GLY A 132 -16.78 9.68 14.21
C GLY A 132 -15.98 9.92 12.95
N ALA A 133 -16.23 9.19 11.86
CA ALA A 133 -15.45 9.40 10.65
C ALA A 133 -15.78 10.75 10.05
N ILE A 134 -14.78 11.42 9.50
CA ILE A 134 -14.96 12.70 8.82
C ILE A 134 -15.33 12.42 7.38
N PRO A 135 -16.51 12.80 6.92
CA PRO A 135 -16.90 12.46 5.56
C PRO A 135 -15.99 13.14 4.56
N SER A 136 -15.71 12.44 3.46
CA SER A 136 -14.98 13.04 2.35
C SER A 136 -15.80 13.06 1.07
N SER A 137 -16.46 11.96 0.73
CA SER A 137 -17.32 11.93 -0.43
C SER A 137 -18.51 11.04 -0.10
N PRO A 138 -19.74 11.53 -0.26
CA PRO A 138 -20.91 10.76 0.12
C PRO A 138 -21.11 9.56 -0.79
N PRO A 139 -21.92 8.58 -0.37
CA PRO A 139 -22.13 7.40 -1.23
C PRO A 139 -22.79 7.80 -2.55
N ILE A 140 -22.23 7.30 -3.65
CA ILE A 140 -22.73 7.56 -4.98
C ILE A 140 -22.88 6.23 -5.68
N VAL A 141 -24.04 5.98 -6.25
CA VAL A 141 -24.29 4.73 -6.95
C VAL A 141 -23.96 4.93 -8.43
N LEU A 142 -23.09 4.09 -8.96
CA LEU A 142 -22.67 4.16 -10.35
C LEU A 142 -23.43 3.11 -11.15
N ASN A 143 -24.18 3.57 -12.15
CA ASN A 143 -24.85 2.68 -13.09
C ASN A 143 -25.68 1.60 -12.39
N GLU A 144 -26.26 1.94 -11.24
CA GLU A 144 -27.12 1.02 -10.48
C GLU A 144 -26.40 -0.28 -10.12
N ALA A 145 -25.07 -0.23 -10.00
CA ALA A 145 -24.31 -1.47 -9.91
C ALA A 145 -23.22 -1.42 -8.84
N VAL A 146 -22.58 -0.27 -8.69
CA VAL A 146 -21.46 -0.11 -7.77
C VAL A 146 -21.71 1.12 -6.93
N THR A 147 -21.45 1.01 -5.63
CA THR A 147 -21.54 2.15 -4.74
C THR A 147 -20.16 2.45 -4.18
N ILE A 148 -19.82 3.73 -4.16
CA ILE A 148 -18.53 4.19 -3.68
C ILE A 148 -18.76 5.35 -2.72
N ALA A 149 -17.99 5.38 -1.64
CA ALA A 149 -18.04 6.42 -0.64
C ALA A 149 -16.69 6.54 0.02
N GLU A 150 -16.40 7.72 0.58
CA GLU A 150 -15.07 8.01 1.11
C GLU A 150 -15.15 8.79 2.41
N VAL A 151 -14.27 8.42 3.36
CA VAL A 151 -14.07 9.15 4.61
C VAL A 151 -12.58 9.38 4.79
N LYS A 152 -12.25 10.34 5.64
CA LYS A 152 -10.85 10.65 5.86
C LYS A 152 -10.17 9.57 6.69
N LEU A 153 -8.96 9.17 6.28
CA LEU A 153 -8.20 8.17 7.00
C LEU A 153 -7.14 8.85 7.85
N TYR A 154 -6.18 9.51 7.19
CA TYR A 154 -5.18 10.34 7.84
C TYR A 154 -4.61 11.30 6.80
N GLY A 155 -4.17 12.47 7.25
CA GLY A 155 -3.71 13.49 6.31
C GLY A 155 -4.75 13.73 5.24
N ASP A 156 -4.32 13.70 3.98
CA ASP A 156 -5.23 13.81 2.85
C ASP A 156 -5.49 12.45 2.19
N VAL A 157 -5.28 11.38 2.92
CA VAL A 157 -5.59 10.02 2.46
C VAL A 157 -7.00 9.68 2.88
N VAL A 158 -7.77 9.09 1.98
CA VAL A 158 -9.12 8.65 2.27
C VAL A 158 -9.18 7.13 2.26
N LEU A 159 -10.04 6.60 3.14
CA LEU A 159 -10.49 5.22 3.09
C LEU A 159 -11.74 5.17 2.21
N ARG A 160 -11.67 4.42 1.13
CA ARG A 160 -12.74 4.37 0.14
C ARG A 160 -13.48 3.05 0.31
N TYR A 161 -14.80 3.13 0.45
CA TYR A 161 -15.66 1.96 0.48
C TYR A 161 -16.21 1.71 -0.91
N VAL A 162 -16.11 0.47 -1.38
CA VAL A 162 -16.67 0.03 -2.65
C VAL A 162 -17.55 -1.18 -2.38
N SER A 163 -18.75 -1.22 -2.97
CA SER A 163 -19.61 -2.38 -2.87
C SER A 163 -20.25 -2.66 -4.21
N TYR A 164 -20.42 -3.96 -4.51
CA TYR A 164 -20.95 -4.42 -5.78
C TYR A 164 -22.25 -5.17 -5.58
N LYS A 165 -23.27 -4.84 -6.37
CA LYS A 165 -24.47 -5.66 -6.38
C LYS A 165 -24.15 -7.09 -6.81
N ALA A 166 -23.42 -7.23 -7.91
CA ALA A 166 -22.95 -8.53 -8.38
C ALA A 166 -21.96 -9.17 -7.41
N GLU A 173 -15.26 -4.11 -15.63
CA GLU A 173 -15.86 -4.60 -14.39
C GLU A 173 -15.16 -4.02 -13.14
N PHE A 174 -14.18 -3.13 -13.35
CA PHE A 174 -13.60 -2.42 -12.21
C PHE A 174 -14.63 -1.42 -11.68
N LEU A 175 -14.95 -0.41 -12.48
CA LEU A 175 -16.01 0.55 -12.18
C LEU A 175 -16.75 0.84 -13.49
N PRO A 176 -18.04 1.18 -13.41
CA PRO A 176 -18.72 1.63 -14.63
C PRO A 176 -18.02 2.85 -15.21
N GLY A 177 -18.04 2.94 -16.53
CA GLY A 177 -17.33 4.00 -17.21
C GLY A 177 -15.90 3.66 -17.57
N PHE A 178 -15.31 2.65 -16.95
CA PHE A 178 -14.01 2.14 -17.33
C PHE A 178 -14.16 1.14 -18.47
N GLU A 179 -13.20 1.14 -19.39
CA GLU A 179 -13.20 0.20 -20.50
C GLU A 179 -11.99 -0.72 -20.38
N ARG A 180 -12.19 -1.98 -20.74
CA ARG A 180 -11.07 -2.91 -20.86
C ARG A 180 -10.09 -2.39 -21.90
N VAL A 181 -8.81 -2.64 -21.67
CA VAL A 181 -7.75 -2.07 -22.49
C VAL A 181 -7.53 -2.94 -23.73
N GLU A 182 -7.30 -2.29 -24.88
CA GLU A 182 -7.00 -2.99 -26.12
C GLU A 182 -5.86 -3.97 -25.92
N ASP A 183 -6.12 -5.25 -26.21
CA ASP A 183 -5.17 -6.30 -25.84
C ASP A 183 -3.78 -6.10 -26.41
N ALA A 184 -3.65 -5.35 -27.52
CA ALA A 184 -2.32 -5.03 -28.04
C ALA A 184 -1.53 -4.18 -27.06
N SER A 185 -2.19 -3.24 -26.39
CA SER A 185 -1.55 -2.40 -25.38
C SER A 185 -1.61 -3.01 -23.99
N SER A 186 -2.07 -4.25 -23.86
CA SER A 186 -2.12 -4.97 -22.58
C SER A 186 -1.21 -6.20 -22.64
N PHE A 187 0.09 -5.97 -22.48
CA PHE A 187 1.09 -7.03 -22.44
C PHE A 187 0.98 -7.80 -21.12
N PRO A 188 0.93 -9.15 -21.15
CA PRO A 188 0.65 -9.91 -19.92
C PRO A 188 1.85 -10.04 -18.99
N LEU A 189 2.37 -8.91 -18.51
CA LEU A 189 3.47 -8.92 -17.55
C LEU A 189 3.01 -9.56 -16.24
N ASP A 190 3.93 -10.25 -15.58
CA ASP A 190 3.62 -10.85 -14.28
C ASP A 190 4.92 -11.29 -13.63
N TYR A 191 5.30 -10.64 -12.53
CA TYR A 191 6.50 -11.04 -11.80
C TYR A 191 6.18 -11.80 -10.52
N GLY A 192 4.91 -12.15 -10.29
CA GLY A 192 4.51 -12.94 -9.14
C GLY A 192 3.74 -12.20 -8.07
N ILE A 193 3.58 -10.88 -8.17
CA ILE A 193 2.81 -10.15 -7.15
C ILE A 193 1.33 -10.51 -7.28
N ARG A 194 0.66 -10.73 -6.14
CA ARG A 194 -0.71 -11.24 -6.16
C ARG A 194 -1.75 -10.43 -5.39
N ARG A 195 -1.37 -9.75 -4.31
CA ARG A 195 -2.37 -8.96 -3.58
C ARG A 195 -1.69 -7.94 -2.67
N LEU A 196 -2.50 -7.03 -2.15
CA LEU A 196 -2.05 -6.07 -1.15
C LEU A 196 -2.18 -6.71 0.23
N ASP A 197 -1.06 -6.77 0.93
CA ASP A 197 -0.99 -7.36 2.26
C ASP A 197 -1.30 -6.34 3.35
N HIS A 198 -0.64 -5.19 3.29
CA HIS A 198 -0.96 -4.12 4.23
C HIS A 198 -0.53 -2.77 3.66
N ALA A 199 -1.10 -1.71 4.25
CA ALA A 199 -0.87 -0.32 3.84
C ALA A 199 -0.62 0.49 5.10
N VAL A 200 0.48 1.22 5.13
CA VAL A 200 1.01 1.81 6.35
C VAL A 200 0.96 3.33 6.24
N GLY A 201 0.40 3.98 7.27
CA GLY A 201 0.39 5.43 7.35
C GLY A 201 1.41 5.98 8.33
N ASN A 202 1.93 7.17 8.02
CA ASN A 202 2.74 7.96 8.96
C ASN A 202 1.91 9.14 9.44
N VAL A 203 1.84 9.33 10.76
CA VAL A 203 1.10 10.44 11.36
C VAL A 203 1.96 11.11 12.43
N PRO A 204 1.62 12.34 12.81
CA PRO A 204 2.37 12.99 13.90
C PRO A 204 2.02 12.43 15.27
N GLU A 205 0.78 11.95 15.47
CA GLU A 205 0.31 11.46 16.76
C GLU A 205 -0.38 10.13 16.58
N LEU A 206 0.26 9.06 17.04
CA LEU A 206 -0.30 7.72 16.86
C LEU A 206 -1.61 7.54 17.65
N GLY A 207 -1.61 7.96 18.91
CA GLY A 207 -2.76 7.74 19.78
C GLY A 207 -4.08 8.22 19.20
N PRO A 208 -4.16 9.52 18.92
CA PRO A 208 -5.36 10.07 18.29
C PRO A 208 -5.71 9.42 16.97
N ALA A 209 -4.71 9.13 16.14
CA ALA A 209 -4.97 8.46 14.86
C ALA A 209 -5.57 7.09 15.08
N LEU A 210 -4.98 6.30 15.99
CA LEU A 210 -5.55 4.99 16.28
C LEU A 210 -6.97 5.11 16.80
N THR A 211 -7.19 6.04 17.74
CA THR A 211 -8.52 6.22 18.31
C THR A 211 -9.54 6.55 17.24
N TYR A 212 -9.19 7.49 16.36
CA TYR A 212 -10.09 7.90 15.30
C TYR A 212 -10.45 6.73 14.39
N VAL A 213 -9.45 6.02 13.86
CA VAL A 213 -9.70 4.98 12.88
C VAL A 213 -10.39 3.78 13.52
N ALA A 214 -9.82 3.24 14.60
CA ALA A 214 -10.50 2.17 15.32
C ALA A 214 -11.90 2.58 15.75
N GLY A 215 -12.07 3.87 16.06
CA GLY A 215 -13.36 4.36 16.51
C GLY A 215 -14.47 4.19 15.48
N PHE A 216 -14.18 4.50 14.20
CA PHE A 216 -15.26 4.43 13.22
C PHE A 216 -15.33 3.12 12.45
N THR A 217 -14.28 2.31 12.47
CA THR A 217 -14.29 1.02 11.79
C THR A 217 -14.65 -0.12 12.72
N GLY A 218 -14.29 0.00 13.99
CA GLY A 218 -14.28 -1.15 14.86
C GLY A 218 -13.11 -2.08 14.65
N PHE A 219 -12.13 -1.68 13.83
CA PHE A 219 -10.94 -2.52 13.66
C PHE A 219 -10.23 -2.67 15.00
N HIS A 220 -9.68 -3.85 15.23
CA HIS A 220 -9.01 -4.15 16.49
C HIS A 220 -7.50 -4.11 16.33
N GLN A 221 -6.82 -3.91 17.46
CA GLN A 221 -5.37 -3.91 17.48
C GLN A 221 -4.83 -5.33 17.24
N PHE A 222 -4.02 -5.47 16.20
CA PHE A 222 -3.40 -6.74 15.83
C PHE A 222 -2.00 -6.89 16.42
N ALA A 223 -1.22 -5.81 16.43
CA ALA A 223 0.18 -5.82 16.85
C ALA A 223 0.56 -4.40 17.26
N GLU A 224 1.71 -4.27 17.92
CA GLU A 224 2.26 -2.98 18.31
C GLU A 224 3.77 -3.09 18.47
N PHE A 225 4.46 -1.96 18.41
CA PHE A 225 5.91 -1.97 18.43
C PHE A 225 6.44 -0.72 19.12
N THR A 226 7.51 -0.90 19.92
CA THR A 226 8.12 0.14 20.76
C THR A 226 7.09 1.02 21.45
N GLU A 234 14.91 2.71 20.56
CA GLU A 234 15.99 3.40 19.87
C GLU A 234 15.75 3.44 18.36
N SER A 235 14.51 3.19 17.95
CA SER A 235 14.16 3.01 16.55
C SER A 235 13.68 4.27 15.86
N GLY A 236 13.24 5.27 16.61
CA GLY A 236 12.69 6.47 16.03
C GLY A 236 11.22 6.41 15.66
N LEU A 237 10.51 5.34 16.03
CA LEU A 237 9.09 5.25 15.74
C LEU A 237 8.36 4.41 16.78
N ASN A 238 7.05 4.67 16.88
CA ASN A 238 6.08 3.75 17.47
C ASN A 238 5.06 3.41 16.41
N SER A 239 4.57 2.16 16.44
CA SER A 239 3.61 1.72 15.45
C SER A 239 2.60 0.80 16.11
N ALA A 240 1.43 0.73 15.50
CA ALA A 240 0.41 -0.24 15.89
C ALA A 240 -0.41 -0.58 14.66
N VAL A 241 -0.97 -1.78 14.66
CA VAL A 241 -1.66 -2.32 13.49
C VAL A 241 -3.13 -2.50 13.83
N LEU A 242 -4.00 -1.90 13.02
CA LEU A 242 -5.44 -2.15 13.09
C LEU A 242 -5.81 -3.21 12.06
N ALA A 243 -6.78 -4.05 12.40
CA ALA A 243 -7.15 -5.18 11.55
C ALA A 243 -8.66 -5.38 11.53
N SER A 244 -9.16 -5.83 10.38
CA SER A 244 -10.56 -6.22 10.23
C SER A 244 -10.81 -7.55 10.94
N ASN A 245 -12.07 -8.00 10.89
CA ASN A 245 -12.49 -9.18 11.65
C ASN A 245 -11.63 -10.40 11.33
N ASP A 246 -11.46 -10.72 10.05
CA ASP A 246 -10.63 -11.85 9.64
C ASP A 246 -9.16 -11.46 9.45
N GLU A 247 -8.81 -10.21 9.73
CA GLU A 247 -7.43 -9.73 9.72
C GLU A 247 -6.80 -9.84 8.33
N MET A 248 -7.62 -9.74 7.29
CA MET A 248 -7.15 -9.59 5.92
C MET A 248 -7.00 -8.12 5.51
N VAL A 249 -7.65 -7.20 6.19
CA VAL A 249 -7.38 -5.78 6.01
C VAL A 249 -6.52 -5.35 7.20
N LEU A 250 -5.27 -4.98 6.91
CA LEU A 250 -4.26 -4.64 7.90
C LEU A 250 -3.77 -3.22 7.61
N LEU A 251 -3.86 -2.35 8.62
CA LEU A 251 -3.57 -0.93 8.47
C LEU A 251 -2.63 -0.51 9.60
N PRO A 252 -1.33 -0.69 9.44
CA PRO A 252 -0.39 -0.16 10.42
C PRO A 252 -0.32 1.35 10.34
N ILE A 253 -0.01 1.98 11.48
CA ILE A 253 0.18 3.42 11.55
C ILE A 253 1.41 3.69 12.40
N ASN A 254 2.28 4.60 11.93
CA ASN A 254 3.52 4.97 12.59
C ASN A 254 3.47 6.43 13.04
N GLU A 255 4.15 6.71 14.14
CA GLU A 255 4.42 8.07 14.59
C GLU A 255 5.92 8.19 14.87
N PRO A 256 6.48 9.39 14.72
CA PRO A 256 7.90 9.57 15.05
C PRO A 256 8.13 9.51 16.55
N VAL A 257 9.33 9.11 16.91
CA VAL A 257 9.81 9.20 18.29
C VAL A 257 10.98 10.17 18.27
N HIS A 258 10.80 11.32 18.92
CA HIS A 258 11.79 12.38 18.89
C HIS A 258 12.76 12.23 20.06
N GLY A 259 14.01 12.61 19.80
CA GLY A 259 15.03 12.68 20.83
C GLY A 259 16.06 11.58 20.72
N THR A 260 16.34 11.15 19.50
CA THR A 260 17.27 10.06 19.24
C THR A 260 18.52 10.57 18.56
N LYS A 261 19.53 9.69 18.48
CA LYS A 261 20.81 10.06 17.88
C LYS A 261 20.65 10.37 16.40
N ARG A 262 19.90 9.53 15.69
CA ARG A 262 19.49 9.82 14.32
C ARG A 262 18.11 10.45 14.33
N LYS A 263 17.87 11.35 13.38
CA LYS A 263 16.55 11.92 13.20
C LYS A 263 15.56 10.83 12.81
N SER A 264 14.35 10.93 13.35
CA SER A 264 13.32 9.94 13.02
C SER A 264 13.07 9.89 11.52
N GLN A 265 13.14 8.68 10.96
CA GLN A 265 12.75 8.47 9.56
C GLN A 265 11.30 8.87 9.32
N ILE A 266 10.44 8.70 10.32
CA ILE A 266 9.05 9.11 10.20
C ILE A 266 8.95 10.63 10.15
N GLN A 267 9.75 11.31 10.96
CA GLN A 267 9.77 12.78 10.91
C GLN A 267 10.22 13.27 9.55
N THR A 268 11.28 12.66 9.00
CA THR A 268 11.72 12.99 7.66
C THR A 268 10.59 12.85 6.64
N TYR A 269 9.80 11.77 6.76
CA TYR A 269 8.64 11.63 5.88
C TYR A 269 7.69 12.80 6.03
N LEU A 270 7.27 13.09 7.27
CA LEU A 270 6.30 14.15 7.49
C LEU A 270 6.77 15.48 6.91
N GLU A 271 8.06 15.78 7.04
CA GLU A 271 8.59 17.04 6.53
C GLU A 271 8.53 17.10 5.00
N HIS A 272 8.99 16.04 4.33
CA HIS A 272 9.00 16.04 2.87
C HIS A 272 7.62 15.84 2.27
N ASN A 273 6.70 15.20 2.99
CA ASN A 273 5.35 14.97 2.52
C ASN A 273 4.40 16.11 2.86
N GLU A 274 4.89 17.09 3.62
CA GLU A 274 4.05 18.13 4.20
C GLU A 274 2.92 17.52 5.03
N GLY A 275 3.28 16.61 5.95
CA GLY A 275 2.32 16.10 6.92
C GLY A 275 2.02 14.61 6.72
N ALA A 276 0.98 14.16 7.41
CA ALA A 276 0.63 12.75 7.42
C ALA A 276 0.30 12.25 6.02
N GLY A 277 0.52 10.96 5.80
CA GLY A 277 0.18 10.34 4.53
C GLY A 277 0.58 8.88 4.52
N LEU A 278 0.35 8.25 3.39
CA LEU A 278 0.66 6.82 3.27
C LEU A 278 2.16 6.63 3.09
N GLN A 279 2.76 5.76 3.92
CA GLN A 279 4.20 5.50 3.91
C GLN A 279 4.60 4.36 2.98
N HIS A 280 3.99 3.18 3.15
CA HIS A 280 4.37 2.13 2.23
C HIS A 280 3.22 1.17 1.98
N LEU A 281 3.28 0.53 0.82
CA LEU A 281 2.36 -0.53 0.42
C LEU A 281 3.14 -1.84 0.39
N ALA A 282 2.65 -2.84 1.12
CA ALA A 282 3.31 -4.16 1.13
C ALA A 282 2.54 -5.08 0.21
N LEU A 283 3.23 -5.60 -0.81
CA LEU A 283 2.62 -6.38 -1.87
C LEU A 283 3.05 -7.83 -1.69
N MET A 284 2.09 -8.71 -1.49
CA MET A 284 2.38 -10.13 -1.32
C MET A 284 2.73 -10.74 -2.66
N SER A 285 3.83 -11.48 -2.70
CA SER A 285 4.20 -12.27 -3.86
C SER A 285 3.95 -13.75 -3.59
N GLU A 286 3.55 -14.49 -4.63
CA GLU A 286 3.47 -15.94 -4.52
C GLU A 286 4.83 -16.61 -4.74
N ASP A 287 5.85 -15.84 -5.11
CA ASP A 287 7.19 -16.36 -5.33
C ASP A 287 8.17 -15.20 -5.24
N ILE A 288 8.51 -14.83 -4.00
CA ILE A 288 9.29 -13.61 -3.78
C ILE A 288 10.65 -13.71 -4.45
N PHE A 289 11.20 -14.92 -4.63
CA PHE A 289 12.46 -15.04 -5.34
C PHE A 289 12.32 -14.58 -6.78
N ARG A 290 11.27 -15.05 -7.47
CA ARG A 290 11.09 -14.65 -8.86
C ARG A 290 10.72 -13.17 -8.96
N THR A 291 9.86 -12.68 -8.07
CA THR A 291 9.51 -11.26 -8.09
C THR A 291 10.76 -10.39 -7.98
N LEU A 292 11.62 -10.70 -7.02
CA LEU A 292 12.81 -9.88 -6.80
C LEU A 292 13.84 -10.06 -7.92
N ARG A 293 13.98 -11.27 -8.47
CA ARG A 293 14.85 -11.42 -9.63
C ARG A 293 14.36 -10.53 -10.77
N GLU A 294 13.06 -10.59 -11.05
CA GLU A 294 12.49 -9.83 -12.15
C GLU A 294 12.58 -8.32 -11.89
N MET A 295 12.28 -7.88 -10.66
CA MET A 295 12.33 -6.46 -10.35
C MET A 295 13.76 -5.95 -10.37
N ARG A 296 14.70 -6.71 -9.79
CA ARG A 296 16.08 -6.23 -9.75
C ARG A 296 16.70 -6.17 -11.15
N LYS A 297 16.32 -7.08 -12.04
CA LYS A 297 16.78 -6.99 -13.42
C LYS A 297 16.40 -5.66 -14.06
N ARG A 298 15.29 -5.05 -13.64
CA ARG A 298 14.79 -3.85 -14.29
C ARG A 298 15.09 -2.57 -13.53
N SER A 299 15.79 -2.66 -12.40
CA SER A 299 16.00 -1.49 -11.55
C SER A 299 16.57 -0.31 -12.32
N SER A 300 17.58 -0.56 -13.15
CA SER A 300 18.29 0.50 -13.83
C SER A 300 17.79 0.74 -15.24
N ILE A 301 16.71 0.07 -15.64
CA ILE A 301 16.12 0.30 -16.95
C ILE A 301 14.65 0.65 -16.82
N GLY A 302 14.32 1.55 -15.88
CA GLY A 302 13.00 2.11 -15.75
C GLY A 302 12.20 1.59 -14.57
N GLY A 303 12.70 0.59 -13.87
CA GLY A 303 12.01 -0.03 -12.75
C GLY A 303 12.29 0.64 -11.42
N PHE A 304 12.27 -0.16 -10.36
CA PHE A 304 12.44 0.34 -9.00
C PHE A 304 13.75 -0.13 -8.41
N ASP A 305 14.41 0.76 -7.68
CA ASP A 305 15.60 0.45 -6.91
C ASP A 305 15.24 -0.13 -5.56
N PHE A 306 16.17 -0.89 -4.99
CA PHE A 306 15.97 -1.49 -3.68
C PHE A 306 16.94 -0.91 -2.65
N MET A 307 16.52 -0.97 -1.39
CA MET A 307 17.40 -0.52 -0.32
C MET A 307 18.67 -1.37 -0.29
N PRO A 308 19.76 -0.84 0.27
CA PRO A 308 21.01 -1.61 0.32
C PRO A 308 20.83 -2.92 1.08
N SER A 309 21.53 -3.96 0.63
CA SER A 309 21.34 -5.28 1.20
C SER A 309 22.03 -5.38 2.55
N PRO A 310 21.56 -6.29 3.41
CA PRO A 310 22.23 -6.52 4.69
C PRO A 310 23.62 -7.11 4.46
N PRO A 311 24.52 -7.01 5.44
CA PRO A 311 25.86 -7.57 5.27
C PRO A 311 25.84 -9.08 5.31
N PRO A 312 26.93 -9.74 4.89
CA PRO A 312 26.96 -11.22 4.94
C PRO A 312 26.68 -11.78 6.33
N THR A 313 27.03 -11.03 7.37
CA THR A 313 26.78 -11.47 8.74
C THR A 313 25.29 -11.67 8.99
N TYR A 314 24.44 -10.87 8.36
CA TYR A 314 23.00 -11.07 8.54
C TYR A 314 22.57 -12.43 8.00
N TYR A 315 23.11 -12.82 6.85
CA TYR A 315 22.70 -14.10 6.26
C TYR A 315 23.38 -15.28 6.93
N GLN A 316 24.58 -15.07 7.48
CA GLN A 316 25.20 -16.11 8.28
C GLN A 316 24.37 -16.43 9.51
N ASN A 317 23.81 -15.40 10.16
CA ASN A 317 22.95 -15.59 11.32
C ASN A 317 21.55 -16.08 10.96
N LEU A 318 21.19 -16.12 9.68
CA LEU A 318 19.87 -16.60 9.30
C LEU A 318 19.77 -18.10 9.44
N LYS A 319 20.82 -18.82 9.06
CA LYS A 319 20.89 -20.26 9.27
C LYS A 319 20.46 -20.62 10.69
N LYS A 320 21.02 -19.94 11.68
CA LYS A 320 20.67 -20.19 13.07
C LYS A 320 19.23 -19.82 13.37
N ARG A 321 18.68 -18.84 12.65
CA ARG A 321 17.36 -18.34 12.97
C ARG A 321 16.23 -19.05 12.25
N VAL A 322 16.44 -19.49 11.01
CA VAL A 322 15.34 -20.03 10.21
C VAL A 322 15.80 -21.26 9.43
N GLY A 323 16.94 -21.83 9.80
CA GLY A 323 17.42 -23.05 9.15
C GLY A 323 16.43 -24.20 9.20
N ASP A 324 15.42 -24.07 10.07
CA ASP A 324 14.30 -25.00 10.12
C ASP A 324 13.30 -24.77 8.99
N VAL A 325 13.19 -23.54 8.50
CA VAL A 325 12.21 -23.18 7.48
C VAL A 325 12.83 -23.15 6.10
N LEU A 326 14.06 -22.66 5.99
CA LEU A 326 14.71 -22.42 4.72
C LEU A 326 16.00 -23.23 4.65
N SER A 327 16.18 -23.96 3.56
CA SER A 327 17.43 -24.66 3.31
C SER A 327 18.56 -23.65 3.13
N ASP A 328 19.79 -24.17 3.17
CA ASP A 328 20.97 -23.34 2.91
C ASP A 328 20.88 -22.71 1.52
N ASP A 329 20.35 -23.43 0.55
CA ASP A 329 20.24 -22.89 -0.80
C ASP A 329 19.18 -21.80 -0.88
N GLN A 330 18.06 -21.99 -0.18
CA GLN A 330 17.04 -20.94 -0.10
C GLN A 330 17.57 -19.71 0.63
N ILE A 331 18.39 -19.92 1.66
CA ILE A 331 19.04 -18.79 2.34
C ILE A 331 20.03 -18.10 1.41
N LYS A 332 20.80 -18.86 0.64
CA LYS A 332 21.73 -18.25 -0.31
C LYS A 332 20.97 -17.40 -1.33
N GLU A 333 19.81 -17.88 -1.80
CA GLU A 333 18.99 -17.09 -2.71
C GLU A 333 18.47 -15.81 -2.05
N CYS A 334 18.08 -15.89 -0.77
CA CYS A 334 17.76 -14.66 -0.02
C CYS A 334 18.93 -13.69 -0.04
N GLU A 335 20.15 -14.21 0.13
CA GLU A 335 21.33 -13.34 0.18
C GLU A 335 21.64 -12.74 -1.19
N GLU A 336 21.45 -13.50 -2.27
CA GLU A 336 21.64 -12.93 -3.60
C GLU A 336 20.68 -11.77 -3.83
N LEU A 337 19.46 -11.89 -3.34
CA LEU A 337 18.42 -10.92 -3.66
C LEU A 337 18.28 -9.81 -2.63
N GLY A 338 18.97 -9.88 -1.50
CA GLY A 338 18.84 -8.88 -0.46
C GLY A 338 17.62 -9.05 0.42
N ILE A 339 17.00 -10.23 0.41
CA ILE A 339 15.75 -10.44 1.14
C ILE A 339 16.02 -10.54 2.64
N LEU A 340 15.13 -9.94 3.42
CA LEU A 340 15.15 -10.04 4.88
C LEU A 340 14.15 -11.08 5.33
N VAL A 341 14.43 -11.69 6.48
CA VAL A 341 13.60 -12.77 7.02
C VAL A 341 13.38 -12.52 8.50
N ASP A 342 12.12 -12.54 8.91
CA ASP A 342 11.74 -12.48 10.32
C ASP A 342 10.82 -13.64 10.61
N ARG A 343 10.70 -13.98 11.88
CA ARG A 343 9.88 -15.13 12.27
C ARG A 343 9.16 -14.83 13.57
N ASP A 344 7.86 -15.12 13.58
CA ASP A 344 6.99 -15.01 14.75
C ASP A 344 7.08 -16.29 15.58
N ASP A 345 6.14 -16.46 16.51
CA ASP A 345 5.84 -17.76 17.08
C ASP A 345 4.85 -18.54 16.22
N GLN A 346 4.34 -17.94 15.14
CA GLN A 346 3.32 -18.55 14.30
C GLN A 346 3.76 -18.77 12.86
N GLY A 347 4.64 -17.92 12.32
CA GLY A 347 4.99 -18.02 10.91
C GLY A 347 6.31 -17.36 10.63
N THR A 348 6.71 -17.44 9.35
CA THR A 348 7.95 -16.85 8.85
C THR A 348 7.62 -15.79 7.81
N LEU A 349 8.42 -14.72 7.80
CA LEU A 349 8.19 -13.57 6.93
C LEU A 349 9.43 -13.29 6.10
N LEU A 350 9.28 -13.26 4.78
CA LEU A 350 10.32 -12.78 3.87
C LEU A 350 9.92 -11.40 3.34
N GLN A 351 10.84 -10.44 3.36
CA GLN A 351 10.51 -9.05 3.06
C GLN A 351 11.71 -8.32 2.48
N ILE A 352 11.42 -7.28 1.70
CA ILE A 352 12.44 -6.37 1.18
C ILE A 352 11.74 -5.07 0.82
N PHE A 353 12.49 -3.97 0.84
CA PHE A 353 11.94 -2.62 0.66
C PHE A 353 12.57 -1.93 -0.54
N THR A 354 11.74 -1.25 -1.33
CA THR A 354 12.25 -0.42 -2.40
C THR A 354 12.71 0.91 -1.84
N LYS A 355 13.54 1.60 -2.62
CA LYS A 355 13.79 3.02 -2.45
C LYS A 355 12.48 3.76 -2.72
N PRO A 356 12.41 5.07 -2.43
CA PRO A 356 11.15 5.79 -2.67
C PRO A 356 10.73 5.70 -4.13
N LEU A 357 9.40 5.68 -4.33
CA LEU A 357 8.85 5.49 -5.67
C LEU A 357 8.97 6.72 -6.54
N GLY A 358 9.15 7.90 -5.97
CA GLY A 358 9.21 9.10 -6.76
C GLY A 358 10.26 10.06 -6.25
N ASP A 359 10.08 11.36 -6.54
CA ASP A 359 11.12 12.35 -6.23
C ASP A 359 11.38 12.47 -4.73
N ARG A 360 10.30 12.45 -3.91
CA ARG A 360 10.45 12.76 -2.50
C ARG A 360 10.72 11.50 -1.70
N PRO A 361 11.50 11.62 -0.59
CA PRO A 361 11.77 10.47 0.30
C PRO A 361 10.56 10.13 1.16
N THR A 362 9.47 9.78 0.51
CA THR A 362 8.20 9.58 1.19
C THR A 362 7.70 8.14 0.97
N ILE A 363 6.88 7.92 -0.03
CA ILE A 363 6.25 6.61 -0.22
C ILE A 363 7.25 5.61 -0.82
N PHE A 364 7.18 4.35 -0.36
CA PHE A 364 7.94 3.26 -0.94
C PHE A 364 7.09 1.99 -0.89
N ILE A 365 7.63 0.92 -1.46
CA ILE A 365 6.92 -0.34 -1.59
C ILE A 365 7.71 -1.41 -0.86
N GLU A 366 6.98 -2.36 -0.30
CA GLU A 366 7.55 -3.53 0.34
C GLU A 366 7.04 -4.78 -0.36
N ILE A 367 7.94 -5.73 -0.67
CA ILE A 367 7.52 -7.01 -1.23
C ILE A 367 7.62 -8.05 -0.13
N ILE A 368 6.61 -8.92 -0.04
CA ILE A 368 6.42 -9.83 1.08
C ILE A 368 5.99 -11.19 0.60
N GLN A 369 6.41 -12.22 1.34
CA GLN A 369 5.79 -13.54 1.27
C GLN A 369 5.83 -14.16 2.66
N ARG A 370 4.70 -14.73 3.08
CA ARG A 370 4.58 -15.33 4.40
C ARG A 370 4.55 -16.85 4.32
N VAL A 371 5.13 -17.49 5.33
CA VAL A 371 5.19 -18.95 5.41
C VAL A 371 4.53 -19.40 6.71
N GLY A 372 3.55 -20.29 6.61
CA GLY A 372 2.94 -20.87 7.79
C GLY A 372 1.46 -20.54 7.97
N CYS A 373 0.98 -20.67 9.20
CA CYS A 373 -0.40 -20.31 9.59
C CYS A 373 -1.43 -20.87 8.61
N MET A 374 -1.26 -22.14 8.26
CA MET A 374 -2.20 -22.80 7.35
C MET A 374 -3.37 -23.37 8.13
N MET A 375 -4.56 -23.27 7.54
CA MET A 375 -5.80 -23.73 8.16
C MET A 375 -6.76 -24.25 7.10
N TYR A 383 -6.30 -22.20 3.68
CA TYR A 383 -5.95 -20.80 3.56
C TYR A 383 -4.92 -20.40 4.60
N GLN A 384 -4.23 -19.29 4.36
CA GLN A 384 -3.27 -18.73 5.31
C GLN A 384 -3.89 -17.54 6.03
N SER A 385 -3.74 -17.52 7.34
CA SER A 385 -4.33 -16.44 8.12
C SER A 385 -3.53 -15.16 7.92
N GLY A 386 -4.22 -14.02 7.89
CA GLY A 386 -3.55 -12.76 7.65
C GLY A 386 -2.56 -12.41 8.74
N GLY A 387 -1.55 -11.63 8.37
CA GLY A 387 -0.53 -11.23 9.32
C GLY A 387 0.44 -12.32 9.72
N CYS A 388 0.41 -13.46 9.04
CA CYS A 388 1.24 -14.61 9.42
C CYS A 388 2.72 -14.27 9.47
N GLY A 389 3.31 -14.26 10.66
CA GLY A 389 4.70 -13.96 10.84
C GLY A 389 5.02 -12.53 11.23
N GLY A 390 4.00 -11.67 11.36
CA GLY A 390 4.23 -10.32 11.83
C GLY A 390 4.61 -9.34 10.72
N PHE A 391 5.36 -8.31 11.04
CA PHE A 391 5.67 -7.28 10.06
C PHE A 391 7.16 -6.97 9.99
N GLY A 392 7.99 -7.76 10.66
CA GLY A 392 9.42 -7.59 10.62
C GLY A 392 10.01 -6.95 11.85
N LYS A 393 9.28 -6.94 12.97
CA LYS A 393 9.76 -6.26 14.17
C LYS A 393 11.09 -6.81 14.65
N GLY A 394 11.40 -8.06 14.36
CA GLY A 394 12.67 -8.63 14.77
C GLY A 394 13.86 -8.22 13.93
N ASN A 395 13.63 -7.57 12.78
CA ASN A 395 14.74 -7.23 11.90
C ASN A 395 15.45 -5.94 12.29
N PHE A 396 14.83 -5.12 13.15
CA PHE A 396 15.57 -4.03 13.77
C PHE A 396 16.78 -4.56 14.54
N SER A 397 16.50 -5.39 15.56
CA SER A 397 17.56 -6.01 16.36
C SER A 397 18.56 -6.74 15.47
N GLU A 398 18.06 -7.58 14.57
CA GLU A 398 18.95 -8.41 13.75
C GLU A 398 19.83 -7.58 12.84
N LEU A 399 19.26 -6.56 12.19
CA LEU A 399 20.06 -5.73 11.29
C LEU A 399 21.13 -4.97 12.06
N PHE A 400 20.78 -4.39 13.21
CA PHE A 400 21.75 -3.66 14.01
C PHE A 400 22.87 -4.58 14.47
N LYS A 401 22.52 -5.74 15.03
CA LYS A 401 23.52 -6.73 15.42
C LYS A 401 24.32 -7.19 14.21
N SER A 402 23.63 -7.48 13.09
CA SER A 402 24.34 -7.85 11.87
C SER A 402 25.40 -6.81 11.52
N ILE A 403 25.04 -5.52 11.59
CA ILE A 403 25.93 -4.47 11.13
C ILE A 403 27.15 -4.34 12.03
N GLU A 404 26.95 -4.41 13.34
CA GLU A 404 28.06 -4.39 14.28
C GLU A 404 29.05 -5.51 13.99
N GLU A 405 28.54 -6.72 13.74
CA GLU A 405 29.40 -7.89 13.51
C GLU A 405 30.12 -7.81 12.17
N TYR A 406 29.57 -7.09 11.19
CA TYR A 406 30.21 -7.02 9.88
C TYR A 406 31.39 -6.05 9.88
N GLU A 407 31.22 -4.87 10.49
CA GLU A 407 32.35 -3.96 10.65
C GLU A 407 33.49 -4.66 11.38
N LYS A 408 33.17 -5.54 12.32
CA LYS A 408 34.17 -6.29 13.06
C LYS A 408 35.03 -7.14 12.12
N THR A 409 34.39 -7.91 11.23
CA THR A 409 35.17 -8.72 10.29
C THR A 409 36.00 -7.84 9.36
N LEU A 410 35.44 -6.71 8.91
CA LEU A 410 36.16 -5.82 8.00
C LEU A 410 37.45 -5.32 8.65
N GLU A 411 37.35 -4.74 9.84
CA GLU A 411 38.53 -4.31 10.59
C GLU A 411 39.50 -5.46 10.79
N ALA A 412 39.04 -6.53 11.43
CA ALA A 412 39.88 -7.69 11.78
C ALA A 412 40.64 -8.26 10.58
CO CO B . 5.45 -3.43 6.25
C10 AIY C . 8.50 -1.28 13.75
C13 AIY C . 11.47 -1.25 13.08
C15 AIY C . 5.08 -2.26 9.10
C20 AIY C . 8.99 0.03 16.01
C22 AIY C . 12.96 -1.24 12.75
C1 AIY C . 8.39 -2.59 11.42
C2 AIY C . 9.35 -2.99 10.29
C3 AIY C . 8.96 -2.67 8.83
C4 AIY C . 7.53 -2.54 8.48
C5 AIY C . 6.52 -2.28 9.52
C6 AIY C . 6.94 -2.26 11.00
C7 AIY C . 9.02 -1.95 12.45
C8 AIY C . 10.46 -1.93 12.13
C11 AIY C . 9.49 -0.62 14.71
C12 AIY C . 10.99 -0.61 14.38
C16 AIY C . 4.08 -1.89 10.17
C23 AIY C . 14.01 -1.23 13.85
C25 AIY C . 8.24 -3.95 12.06
O9 AIY C . 10.69 -2.58 10.84
O14 AIY C . 7.08 -3.05 7.26
O17 AIY C . 4.77 -2.60 8.06
O18 AIY C . 6.21 -1.90 11.83
O19 AIY C . 7.14 -1.30 14.05
O21 AIY C . 11.90 0.00 15.25
O24 AIY C . 13.30 -1.24 11.60
#